data_8X5M
#
_entry.id   8X5M
#
_cell.length_a   77.170
_cell.length_b   128.405
_cell.length_c   82.905
_cell.angle_alpha   90.000
_cell.angle_beta   90.000
_cell.angle_gamma   90.000
#
_symmetry.space_group_name_H-M   'C 2 2 21'
#
loop_
_entity.id
_entity.type
_entity.pdbx_description
1 polymer 'Mitogen-activated protein kinase 8'
2 non-polymer 3-[4-(dimethylamino)butanoylamino]-~{N}-[3-methyl-4-[(4-pyridin-3-ylpyrimidin-2-yl)amino]phenyl]benzamide
3 non-polymer GLYCEROL
4 non-polymer 1,2-ETHANEDIOL
5 water water
#
_entity_poly.entity_id   1
_entity_poly.type   'polypeptide(L)'
_entity_poly.pdbx_seq_one_letter_code
;SRSKRDNNFYSVEIGDSTFTVLKRYQNLKPIGSGAQGIVCAAYDAILERNVAIKKLSRPFQNQTHAKRAYRELVLMKCVN
HKNIIGLLNVFTPQKSLEEFQDVYIVMELMDANLCQVIQMELDHERMSYLLYQMLCGIKHLHSAGIIHRDLKPSNIVVKS
D(CSO)TLKILDFGLARTAGTSFMMTPYVVTRYYRAPEVILGMGYKENVDIWSVGCIMGEMIKGGVLFPGTDHIDQWNKV
IEQLGTPCPEFMKKLQPTVRTYVENRPKYAGYSFEKLFPDVLFPADSEHNKLKASQARDLLSKMLVIDASKRISVDEALQ
HPYINVWYDPSEAEAPPPKIPDKQLDEREHTIEEWKELIYKEVMDLE
;
_entity_poly.pdbx_strand_id   A
#
loop_
_chem_comp.id
_chem_comp.type
_chem_comp.name
_chem_comp.formula
EDO non-polymer 1,2-ETHANEDIOL 'C2 H6 O2'
GOL non-polymer GLYCEROL 'C3 H8 O3'
Y4O non-polymer 3-[4-(dimethylamino)butanoylamino]-~{N}-[3-methyl-4-[(4-pyridin-3-ylpyrimidin-2-yl)amino]phenyl]benzamide 'C29 H31 N7 O2'
#
# COMPACT_ATOMS: atom_id res chain seq x y z
N ASP A 6 -4.02 -19.95 -28.65
CA ASP A 6 -3.34 -20.93 -29.54
C ASP A 6 -2.55 -21.92 -28.67
N ASN A 7 -1.67 -22.73 -29.28
CA ASN A 7 -0.90 -23.81 -28.62
C ASN A 7 0.16 -23.25 -27.67
N ASN A 8 0.37 -21.92 -27.65
CA ASN A 8 1.31 -21.24 -26.72
C ASN A 8 0.69 -21.16 -25.32
N PHE A 9 -0.65 -21.28 -25.21
CA PHE A 9 -1.43 -21.08 -23.97
C PHE A 9 -2.14 -22.38 -23.57
N TYR A 10 -2.46 -22.51 -22.28
CA TYR A 10 -3.34 -23.55 -21.71
C TYR A 10 -4.22 -22.92 -20.63
N SER A 11 -5.33 -23.59 -20.29
CA SER A 11 -6.33 -23.09 -19.31
C SER A 11 -6.34 -24.00 -18.08
N VAL A 12 -6.46 -23.39 -16.91
CA VAL A 12 -6.62 -24.10 -15.60
C VAL A 12 -7.67 -23.34 -14.80
N GLU A 13 -8.57 -24.07 -14.13
CA GLU A 13 -9.64 -23.49 -13.27
C GLU A 13 -9.03 -23.18 -11.89
N ILE A 14 -9.15 -21.93 -11.46
CA ILE A 14 -8.69 -21.43 -10.12
C ILE A 14 -9.84 -20.63 -9.49
N GLY A 15 -10.44 -21.16 -8.43
CA GLY A 15 -11.63 -20.57 -7.78
C GLY A 15 -12.79 -20.48 -8.77
N ASP A 16 -13.32 -19.26 -8.95
CA ASP A 16 -14.41 -18.95 -9.90
C ASP A 16 -13.83 -18.55 -11.26
N SER A 17 -12.51 -18.58 -11.42
CA SER A 17 -11.76 -17.99 -12.57
C SER A 17 -11.10 -19.07 -13.42
N THR A 18 -11.12 -18.88 -14.74
CA THR A 18 -10.29 -19.58 -15.73
C THR A 18 -9.02 -18.76 -15.96
N PHE A 19 -7.85 -19.32 -15.64
CA PHE A 19 -6.52 -18.75 -15.98
C PHE A 19 -6.05 -19.38 -17.30
N THR A 20 -5.90 -18.57 -18.33
CA THR A 20 -5.33 -18.96 -19.64
C THR A 20 -3.95 -18.31 -19.77
N VAL A 21 -2.90 -19.11 -19.56
CA VAL A 21 -1.51 -18.59 -19.34
C VAL A 21 -0.58 -19.25 -20.36
N LEU A 22 0.57 -18.59 -20.61
CA LEU A 22 1.68 -19.16 -21.41
C LEU A 22 2.13 -20.47 -20.76
N LYS A 23 2.50 -21.46 -21.56
CA LYS A 23 2.81 -22.84 -21.10
C LYS A 23 4.01 -22.84 -20.14
N ARG A 24 4.87 -21.82 -20.19
CA ARG A 24 6.02 -21.65 -19.26
C ARG A 24 5.56 -21.65 -17.80
N TYR A 25 4.33 -21.18 -17.53
CA TYR A 25 3.77 -21.02 -16.15
C TYR A 25 3.03 -22.31 -15.76
N GLN A 26 3.60 -23.05 -14.81
CA GLN A 26 3.20 -24.44 -14.45
C GLN A 26 2.68 -24.47 -13.01
N ASN A 27 1.73 -25.36 -12.73
CA ASN A 27 1.26 -25.73 -11.37
CA ASN A 27 1.28 -25.73 -11.36
C ASN A 27 0.72 -24.48 -10.66
N LEU A 28 -0.27 -23.83 -11.28
CA LEU A 28 -0.91 -22.60 -10.71
C LEU A 28 -1.63 -22.96 -9.42
N LYS A 29 -1.39 -22.17 -8.37
CA LYS A 29 -2.02 -22.30 -7.03
C LYS A 29 -2.58 -20.94 -6.64
N PRO A 30 -3.79 -20.86 -6.06
CA PRO A 30 -4.36 -19.57 -5.66
C PRO A 30 -3.57 -18.97 -4.48
N ILE A 31 -3.48 -17.64 -4.39
CA ILE A 31 -2.94 -16.93 -3.21
C ILE A 31 -3.84 -15.73 -2.90
N GLY A 32 -4.08 -15.48 -1.60
CA GLY A 32 -5.00 -14.43 -1.10
C GLY A 32 -6.43 -14.66 -1.55
N GLY A 37 -8.00 -8.15 -8.78
CA GLY A 37 -7.88 -9.36 -9.62
C GLY A 37 -7.62 -10.61 -8.79
N ILE A 38 -7.90 -11.78 -9.36
CA ILE A 38 -7.47 -13.10 -8.80
C ILE A 38 -5.98 -13.27 -9.11
N VAL A 39 -5.24 -13.87 -8.17
CA VAL A 39 -3.75 -14.01 -8.23
C VAL A 39 -3.38 -15.46 -7.92
N CYS A 40 -2.49 -16.04 -8.73
CA CYS A 40 -1.92 -17.40 -8.54
C CYS A 40 -0.41 -17.33 -8.38
N ALA A 41 0.16 -18.23 -7.56
CA ALA A 41 1.59 -18.61 -7.61
C ALA A 41 1.74 -19.63 -8.73
N ALA A 42 2.83 -19.54 -9.51
CA ALA A 42 3.18 -20.51 -10.56
C ALA A 42 4.70 -20.69 -10.59
N TYR A 43 5.15 -21.84 -11.11
CA TYR A 43 6.57 -22.08 -11.47
C TYR A 43 6.76 -21.64 -12.92
N ASP A 44 7.65 -20.66 -13.14
CA ASP A 44 8.05 -20.20 -14.49
C ASP A 44 9.21 -21.09 -14.96
N ALA A 45 8.94 -22.02 -15.88
CA ALA A 45 9.91 -23.03 -16.37
C ALA A 45 11.06 -22.37 -17.13
N ILE A 46 10.85 -21.16 -17.66
CA ILE A 46 11.89 -20.41 -18.43
C ILE A 46 12.85 -19.70 -17.46
N LEU A 47 12.31 -19.05 -16.41
CA LEU A 47 13.14 -18.37 -15.38
C LEU A 47 13.66 -19.41 -14.38
N GLU A 48 12.97 -20.55 -14.25
CA GLU A 48 13.21 -21.58 -13.22
C GLU A 48 13.05 -20.94 -11.83
N ARG A 49 12.06 -20.03 -11.68
CA ARG A 49 11.73 -19.33 -10.43
C ARG A 49 10.21 -19.30 -10.26
N ASN A 50 9.74 -19.31 -9.01
CA ASN A 50 8.31 -19.16 -8.68
C ASN A 50 7.92 -17.70 -8.92
N VAL A 51 6.71 -17.47 -9.45
CA VAL A 51 6.19 -16.14 -9.85
C VAL A 51 4.75 -16.01 -9.35
N ALA A 52 4.24 -14.79 -9.30
CA ALA A 52 2.82 -14.46 -9.05
C ALA A 52 2.22 -13.99 -10.37
N ILE A 53 1.03 -14.48 -10.70
CA ILE A 53 0.27 -14.10 -11.92
C ILE A 53 -1.06 -13.51 -11.48
N LYS A 54 -1.29 -12.24 -11.79
CA LYS A 54 -2.54 -11.51 -11.50
C LYS A 54 -3.32 -11.39 -12.81
N LYS A 55 -4.58 -11.84 -12.81
CA LYS A 55 -5.50 -11.75 -13.96
C LYS A 55 -6.36 -10.50 -13.82
N LEU A 56 -6.27 -9.58 -14.79
CA LEU A 56 -7.23 -8.46 -14.99
C LEU A 56 -8.26 -8.89 -16.03
N SER A 57 -9.49 -9.15 -15.60
CA SER A 57 -10.62 -9.55 -16.49
C SER A 57 -11.30 -8.30 -17.06
N ARG A 58 -11.24 -8.11 -18.38
CA ARG A 58 -11.92 -7.01 -19.11
C ARG A 58 -11.71 -5.70 -18.36
N PRO A 59 -10.44 -5.27 -18.14
CA PRO A 59 -10.18 -4.04 -17.39
C PRO A 59 -10.70 -2.76 -18.07
N PHE A 60 -11.00 -2.83 -19.38
CA PHE A 60 -11.48 -1.69 -20.20
C PHE A 60 -13.02 -1.58 -20.16
N GLN A 61 -13.70 -2.58 -19.58
CA GLN A 61 -15.19 -2.69 -19.61
C GLN A 61 -15.84 -1.45 -19.00
N ASN A 62 -15.17 -0.78 -18.06
CA ASN A 62 -15.60 0.56 -17.56
C ASN A 62 -14.36 1.42 -17.32
N GLN A 63 -14.54 2.74 -17.35
CA GLN A 63 -13.45 3.74 -17.39
C GLN A 63 -12.69 3.74 -16.07
N THR A 64 -13.37 3.43 -14.96
CA THR A 64 -12.80 3.41 -13.59
C THR A 64 -11.76 2.28 -13.48
N HIS A 65 -12.15 1.06 -13.86
CA HIS A 65 -11.27 -0.14 -13.92
C HIS A 65 -10.14 0.13 -14.92
N ALA A 66 -10.47 0.66 -16.10
CA ALA A 66 -9.52 0.92 -17.21
C ALA A 66 -8.40 1.85 -16.72
N LYS A 67 -8.76 3.00 -16.15
CA LYS A 67 -7.79 4.01 -15.65
C LYS A 67 -6.83 3.37 -14.65
N ARG A 68 -7.36 2.62 -13.68
CA ARG A 68 -6.57 1.95 -12.60
C ARG A 68 -5.64 0.90 -13.22
N ALA A 69 -6.16 0.07 -14.13
CA ALA A 69 -5.42 -1.01 -14.82
C ALA A 69 -4.31 -0.41 -15.70
N TYR A 70 -4.62 0.60 -16.51
CA TYR A 70 -3.64 1.27 -17.40
C TYR A 70 -2.50 1.81 -16.54
N ARG A 71 -2.86 2.57 -15.50
CA ARG A 71 -1.92 3.22 -14.54
C ARG A 71 -1.02 2.15 -13.90
N GLU A 72 -1.60 1.04 -13.46
CA GLU A 72 -0.88 -0.09 -12.82
C GLU A 72 0.14 -0.68 -13.81
N LEU A 73 -0.26 -0.88 -15.06
CA LEU A 73 0.62 -1.44 -16.11
C LEU A 73 1.81 -0.50 -16.35
N VAL A 74 1.52 0.78 -16.58
CA VAL A 74 2.53 1.83 -16.89
C VAL A 74 3.49 1.95 -15.70
N LEU A 75 2.97 2.09 -14.48
CA LEU A 75 3.78 2.36 -13.27
C LEU A 75 4.63 1.13 -12.93
N MET A 76 4.06 -0.08 -12.97
CA MET A 76 4.81 -1.29 -12.57
C MET A 76 5.97 -1.49 -13.56
N LYS A 77 5.78 -1.09 -14.82
CA LYS A 77 6.79 -1.19 -15.91
C LYS A 77 7.93 -0.18 -15.68
N CYS A 78 7.62 1.09 -15.42
CA CYS A 78 8.63 2.19 -15.38
C CYS A 78 9.22 2.33 -13.96
N VAL A 79 8.48 1.96 -12.91
CA VAL A 79 9.00 2.02 -11.51
C VAL A 79 9.95 0.82 -11.30
N ASN A 80 11.11 1.09 -10.72
CA ASN A 80 12.14 0.07 -10.38
C ASN A 80 12.73 0.42 -9.01
N HIS A 81 12.18 -0.15 -7.94
CA HIS A 81 12.62 0.11 -6.54
C HIS A 81 12.52 -1.18 -5.72
N LYS A 82 13.48 -1.38 -4.81
CA LYS A 82 13.62 -2.59 -3.94
C LYS A 82 12.34 -2.84 -3.14
N ASN A 83 11.52 -1.81 -2.88
CA ASN A 83 10.36 -1.91 -1.95
C ASN A 83 9.04 -1.72 -2.71
N ILE A 84 9.07 -1.84 -4.05
CA ILE A 84 7.86 -1.85 -4.93
C ILE A 84 7.92 -3.14 -5.77
N ILE A 85 6.82 -3.89 -5.83
CA ILE A 85 6.72 -5.18 -6.56
C ILE A 85 7.15 -4.95 -8.02
N GLY A 86 8.02 -5.83 -8.53
CA GLY A 86 8.65 -5.72 -9.86
C GLY A 86 7.91 -6.55 -10.90
N LEU A 87 7.68 -5.97 -12.08
CA LEU A 87 7.05 -6.63 -13.26
C LEU A 87 8.06 -7.60 -13.88
N LEU A 88 7.63 -8.84 -14.12
CA LEU A 88 8.44 -9.86 -14.86
C LEU A 88 7.91 -9.98 -16.29
N ASN A 89 6.59 -9.95 -16.47
CA ASN A 89 5.96 -10.17 -17.80
C ASN A 89 4.52 -9.64 -17.79
N VAL A 90 4.02 -9.32 -18.97
CA VAL A 90 2.58 -9.01 -19.20
C VAL A 90 2.18 -9.68 -20.52
N PHE A 91 1.01 -10.31 -20.56
CA PHE A 91 0.52 -10.98 -21.80
C PHE A 91 -1.01 -10.99 -21.81
N THR A 92 -1.56 -11.19 -23.00
CA THR A 92 -2.98 -11.51 -23.24
C THR A 92 -3.04 -12.80 -24.05
N PRO A 93 -3.95 -13.74 -23.74
CA PRO A 93 -4.13 -14.93 -24.55
C PRO A 93 -4.79 -14.62 -25.90
N GLN A 94 -5.49 -13.47 -26.01
CA GLN A 94 -6.29 -13.09 -27.19
C GLN A 94 -5.36 -12.53 -28.28
N LYS A 95 -5.68 -12.80 -29.54
CA LYS A 95 -4.77 -12.68 -30.71
C LYS A 95 -4.85 -11.29 -31.35
N SER A 96 -5.86 -10.49 -31.00
CA SER A 96 -6.15 -9.20 -31.67
C SER A 96 -6.83 -8.22 -30.71
N LEU A 97 -6.87 -6.93 -31.09
CA LEU A 97 -7.60 -5.87 -30.36
C LEU A 97 -9.09 -6.23 -30.31
N GLU A 98 -9.62 -6.78 -31.41
CA GLU A 98 -11.06 -7.13 -31.56
C GLU A 98 -11.44 -8.20 -30.53
N GLU A 99 -10.58 -9.20 -30.33
CA GLU A 99 -10.84 -10.37 -29.44
C GLU A 99 -10.28 -10.13 -28.04
N PHE A 100 -9.47 -9.08 -27.83
CA PHE A 100 -8.80 -8.74 -26.54
C PHE A 100 -9.82 -8.70 -25.41
N GLN A 101 -9.55 -9.43 -24.31
CA GLN A 101 -10.42 -9.50 -23.10
C GLN A 101 -9.58 -9.29 -21.84
N ASP A 102 -8.54 -10.10 -21.65
CA ASP A 102 -7.86 -10.30 -20.34
C ASP A 102 -6.38 -9.96 -20.43
N VAL A 103 -5.85 -9.37 -19.35
CA VAL A 103 -4.41 -9.03 -19.17
C VAL A 103 -3.90 -9.85 -17.99
N TYR A 104 -2.75 -10.49 -18.15
CA TYR A 104 -2.06 -11.22 -17.08
C TYR A 104 -0.77 -10.47 -16.76
N ILE A 105 -0.62 -10.06 -15.50
CA ILE A 105 0.61 -9.39 -14.97
C ILE A 105 1.38 -10.43 -14.18
N VAL A 106 2.61 -10.73 -14.62
CA VAL A 106 3.52 -11.67 -13.93
C VAL A 106 4.49 -10.82 -13.11
N MET A 107 4.55 -11.08 -11.81
CA MET A 107 5.45 -10.34 -10.90
C MET A 107 6.18 -11.34 -10.00
N GLU A 108 7.24 -10.86 -9.36
CA GLU A 108 8.02 -11.57 -8.31
C GLU A 108 7.02 -12.17 -7.31
N LEU A 109 7.21 -13.44 -6.95
CA LEU A 109 6.41 -14.12 -5.90
C LEU A 109 7.01 -13.76 -4.54
N MET A 110 6.18 -13.27 -3.62
CA MET A 110 6.56 -13.02 -2.20
C MET A 110 5.87 -14.08 -1.35
N ASP A 111 6.26 -14.21 -0.08
CA ASP A 111 5.90 -15.36 0.78
C ASP A 111 4.56 -15.11 1.48
N ALA A 112 4.26 -13.85 1.83
CA ALA A 112 3.09 -13.49 2.65
C ALA A 112 2.78 -12.01 2.51
N ASN A 113 1.56 -11.60 2.85
CA ASN A 113 1.21 -10.16 3.02
C ASN A 113 1.54 -9.77 4.46
N LEU A 114 1.45 -8.48 4.77
CA LEU A 114 1.88 -7.91 6.07
C LEU A 114 0.91 -8.37 7.17
N CYS A 115 -0.33 -8.68 6.80
CA CYS A 115 -1.40 -9.12 7.73
C CYS A 115 -0.92 -10.36 8.49
N GLN A 116 -0.27 -11.28 7.78
CA GLN A 116 0.31 -12.54 8.33
C GLN A 116 1.46 -12.20 9.27
N VAL A 117 2.35 -11.29 8.86
CA VAL A 117 3.57 -10.88 9.61
C VAL A 117 3.17 -10.20 10.92
N ILE A 118 2.10 -9.41 10.91
CA ILE A 118 1.59 -8.66 12.09
C ILE A 118 1.16 -9.65 13.18
N GLN A 119 0.73 -10.87 12.82
CA GLN A 119 0.25 -11.91 13.76
C GLN A 119 1.43 -12.61 14.45
N MET A 120 2.66 -12.37 13.99
CA MET A 120 3.91 -12.90 14.61
C MET A 120 4.29 -11.97 15.78
N GLU A 121 5.14 -12.45 16.70
CA GLU A 121 5.57 -11.69 17.90
C GLU A 121 6.86 -10.94 17.56
N LEU A 122 6.74 -9.87 16.75
CA LEU A 122 7.88 -9.13 16.15
C LEU A 122 8.62 -8.34 17.23
N ASP A 123 9.95 -8.30 17.14
CA ASP A 123 10.83 -7.50 18.03
C ASP A 123 11.08 -6.14 17.35
N HIS A 124 11.77 -5.24 18.03
CA HIS A 124 12.13 -3.89 17.51
C HIS A 124 12.89 -4.03 16.19
N GLU A 125 13.82 -4.98 16.11
CA GLU A 125 14.68 -5.20 14.91
C GLU A 125 13.76 -5.41 13.69
N ARG A 126 12.85 -6.38 13.77
CA ARG A 126 11.93 -6.75 12.66
C ARG A 126 10.97 -5.59 12.39
N MET A 127 10.34 -5.03 13.42
CA MET A 127 9.34 -3.93 13.25
C MET A 127 10.00 -2.74 12.56
N SER A 128 11.12 -2.24 13.09
CA SER A 128 11.79 -1.02 12.58
C SER A 128 12.26 -1.26 11.14
N TYR A 129 12.74 -2.48 10.83
CA TYR A 129 13.26 -2.87 9.49
C TYR A 129 12.11 -2.86 8.47
N LEU A 130 10.97 -3.46 8.84
CA LEU A 130 9.76 -3.49 7.97
C LEU A 130 9.27 -2.05 7.75
N LEU A 131 9.21 -1.24 8.81
CA LEU A 131 8.68 0.15 8.71
C LEU A 131 9.64 1.01 7.90
N TYR A 132 10.95 0.81 8.04
CA TYR A 132 11.98 1.53 7.24
C TYR A 132 11.70 1.27 5.75
N GLN A 133 11.50 0.00 5.40
CA GLN A 133 11.31 -0.41 3.98
C GLN A 133 10.00 0.17 3.45
N MET A 134 8.93 0.13 4.24
CA MET A 134 7.63 0.71 3.85
CA MET A 134 7.62 0.71 3.86
C MET A 134 7.82 2.20 3.54
N LEU A 135 8.51 2.93 4.43
CA LEU A 135 8.76 4.39 4.27
C LEU A 135 9.63 4.65 3.04
N CYS A 136 10.62 3.79 2.80
CA CYS A 136 11.49 3.87 1.58
CA CYS A 136 11.50 3.86 1.59
C CYS A 136 10.64 3.73 0.32
N GLY A 137 9.74 2.76 0.31
CA GLY A 137 8.82 2.52 -0.83
C GLY A 137 7.92 3.72 -1.05
N ILE A 138 7.35 4.26 0.04
CA ILE A 138 6.46 5.46 0.02
C ILE A 138 7.26 6.66 -0.51
N LYS A 139 8.48 6.88 -0.01
CA LYS A 139 9.32 8.03 -0.43
C LYS A 139 9.54 7.96 -1.94
N HIS A 140 9.78 6.77 -2.49
CA HIS A 140 10.00 6.56 -3.94
C HIS A 140 8.74 6.88 -4.74
N LEU A 141 7.56 6.40 -4.30
CA LEU A 141 6.26 6.74 -4.95
C LEU A 141 6.07 8.26 -4.96
N HIS A 142 6.30 8.91 -3.82
CA HIS A 142 6.13 10.39 -3.64
C HIS A 142 7.03 11.13 -4.64
N SER A 143 8.29 10.69 -4.80
CA SER A 143 9.29 11.28 -5.72
C SER A 143 8.79 11.22 -7.17
N ALA A 144 7.91 10.26 -7.48
CA ALA A 144 7.30 10.05 -8.82
C ALA A 144 5.94 10.74 -8.92
N GLY A 145 5.53 11.50 -7.89
CA GLY A 145 4.23 12.19 -7.83
C GLY A 145 3.08 11.24 -7.55
N ILE A 146 3.37 10.07 -6.99
CA ILE A 146 2.34 9.05 -6.62
C ILE A 146 2.11 9.14 -5.11
N ILE A 147 0.94 9.62 -4.71
CA ILE A 147 0.44 9.58 -3.31
C ILE A 147 -0.58 8.45 -3.23
N HIS A 148 -0.29 7.40 -2.45
CA HIS A 148 -1.01 6.10 -2.45
C HIS A 148 -2.41 6.26 -1.87
N ARG A 149 -2.52 6.69 -0.60
CA ARG A 149 -3.78 7.00 0.12
C ARG A 149 -4.53 5.74 0.59
N ASP A 150 -4.11 4.54 0.19
CA ASP A 150 -4.81 3.28 0.58
C ASP A 150 -3.82 2.18 0.95
N LEU A 151 -2.72 2.50 1.64
CA LEU A 151 -1.75 1.51 2.13
C LEU A 151 -2.37 0.73 3.29
N LYS A 152 -2.31 -0.59 3.22
CA LYS A 152 -2.87 -1.50 4.25
C LYS A 152 -2.12 -2.81 4.21
N PRO A 153 -2.21 -3.66 5.25
CA PRO A 153 -1.46 -4.90 5.29
C PRO A 153 -1.69 -5.81 4.06
N SER A 154 -2.85 -5.69 3.41
CA SER A 154 -3.27 -6.58 2.29
CA SER A 154 -3.27 -6.58 2.29
C SER A 154 -2.60 -6.18 0.97
N ASN A 155 -2.01 -4.96 0.88
CA ASN A 155 -1.33 -4.55 -0.38
C ASN A 155 0.16 -4.29 -0.10
N ILE A 156 0.70 -4.90 0.95
CA ILE A 156 2.16 -4.94 1.25
C ILE A 156 2.53 -6.40 1.47
N VAL A 157 3.60 -6.84 0.81
CA VAL A 157 4.04 -8.27 0.83
C VAL A 157 5.47 -8.34 1.36
N VAL A 158 5.83 -9.50 1.91
CA VAL A 158 7.11 -9.74 2.63
C VAL A 158 7.64 -11.12 2.18
N LYS A 159 8.97 -11.25 2.07
CA LYS A 159 9.65 -12.57 1.95
C LYS A 159 10.04 -13.01 3.37
N SER A 160 10.36 -14.29 3.56
CA SER A 160 10.63 -14.90 4.89
C SER A 160 11.86 -14.25 5.54
N ASP A 161 12.72 -13.60 4.74
CA ASP A 161 13.88 -12.79 5.22
C ASP A 161 13.44 -11.35 5.55
N CSO A 162 12.13 -11.08 5.56
CA CSO A 162 11.48 -9.82 5.99
CB CSO A 162 11.79 -9.53 7.47
SG CSO A 162 10.79 -10.47 8.66
C CSO A 162 11.85 -8.65 5.05
O CSO A 162 11.69 -7.49 5.46
OD CSO A 162 9.17 -10.56 8.36
N THR A 163 12.26 -8.94 3.81
CA THR A 163 12.30 -7.95 2.70
C THR A 163 10.85 -7.62 2.33
N LEU A 164 10.55 -6.34 2.07
CA LEU A 164 9.16 -5.84 1.98
C LEU A 164 8.95 -5.11 0.65
N LYS A 165 7.77 -5.25 0.06
CA LYS A 165 7.39 -4.60 -1.22
C LYS A 165 5.93 -4.17 -1.20
N ILE A 166 5.67 -2.96 -1.67
CA ILE A 166 4.31 -2.40 -1.87
C ILE A 166 3.78 -2.97 -3.20
N LEU A 167 2.53 -3.47 -3.19
CA LEU A 167 1.94 -4.23 -4.32
C LEU A 167 1.41 -3.32 -5.41
N ASP A 168 0.86 -2.15 -5.05
CA ASP A 168 0.10 -1.33 -6.04
C ASP A 168 0.31 0.15 -5.75
N PHE A 169 -0.28 1.02 -6.58
CA PHE A 169 0.03 2.47 -6.63
C PHE A 169 -1.14 3.29 -6.10
N GLY A 170 -2.14 2.67 -5.47
CA GLY A 170 -3.14 3.37 -4.65
C GLY A 170 -4.25 3.99 -5.49
N LEU A 171 -4.88 5.04 -4.93
CA LEU A 171 -6.20 5.58 -5.37
C LEU A 171 -6.01 6.49 -6.59
N ALA A 172 -7.07 6.62 -7.40
CA ALA A 172 -7.16 7.53 -8.57
C ALA A 172 -7.21 8.98 -8.08
N ARG A 173 -6.70 9.91 -8.89
CA ARG A 173 -6.64 11.39 -8.68
C ARG A 173 -5.20 11.79 -8.37
N VAL A 186 -16.01 -2.65 2.74
CA VAL A 186 -14.72 -1.91 2.62
C VAL A 186 -13.91 -2.11 3.89
N THR A 187 -12.59 -2.28 3.76
CA THR A 187 -11.60 -2.21 4.87
C THR A 187 -11.05 -0.78 4.94
N ARG A 188 -11.53 0.04 5.88
CA ARG A 188 -11.15 1.47 5.99
C ARG A 188 -10.29 1.71 7.23
N TYR A 189 -9.81 0.65 7.91
CA TYR A 189 -9.09 0.73 9.20
C TYR A 189 -7.84 1.63 9.09
N TYR A 190 -7.21 1.68 7.92
CA TYR A 190 -5.87 2.28 7.70
C TYR A 190 -5.96 3.62 6.97
N ARG A 191 -7.18 4.05 6.59
CA ARG A 191 -7.41 5.31 5.85
C ARG A 191 -7.20 6.51 6.76
N ALA A 192 -6.46 7.52 6.29
CA ALA A 192 -6.18 8.77 7.03
C ALA A 192 -7.48 9.55 7.22
N PRO A 193 -7.60 10.38 8.27
CA PRO A 193 -8.74 11.27 8.43
C PRO A 193 -9.07 12.05 7.15
N GLU A 194 -8.05 12.56 6.45
CA GLU A 194 -8.18 13.31 5.17
C GLU A 194 -9.00 12.50 4.18
N VAL A 195 -8.77 11.19 4.13
CA VAL A 195 -9.45 10.27 3.17
C VAL A 195 -10.86 10.01 3.71
N ILE A 196 -10.98 9.66 4.99
CA ILE A 196 -12.28 9.36 5.67
C ILE A 196 -13.26 10.52 5.43
N LEU A 197 -12.79 11.76 5.66
CA LEU A 197 -13.66 12.96 5.74
C LEU A 197 -13.71 13.70 4.40
N GLY A 198 -13.06 13.17 3.35
CA GLY A 198 -13.07 13.74 2.00
C GLY A 198 -12.45 15.12 1.96
N MET A 199 -11.27 15.27 2.58
CA MET A 199 -10.55 16.56 2.72
C MET A 199 -9.49 16.68 1.62
N GLY A 200 -8.84 17.83 1.54
CA GLY A 200 -7.54 17.98 0.84
C GLY A 200 -6.52 17.07 1.49
N TYR A 201 -5.51 16.64 0.73
CA TYR A 201 -4.41 15.80 1.27
C TYR A 201 -3.09 16.23 0.64
N LYS A 202 -2.00 15.86 1.30
CA LYS A 202 -0.61 15.99 0.79
C LYS A 202 0.10 14.67 1.04
N GLU A 203 1.41 14.63 0.81
CA GLU A 203 2.23 13.39 0.80
C GLU A 203 2.04 12.62 2.13
N ASN A 204 1.95 13.31 3.27
CA ASN A 204 1.96 12.65 4.60
C ASN A 204 0.61 12.00 4.93
N VAL A 205 -0.37 12.03 4.02
CA VAL A 205 -1.59 11.17 4.10
C VAL A 205 -1.13 9.71 4.28
N ASP A 206 -0.04 9.32 3.62
CA ASP A 206 0.50 7.94 3.64
C ASP A 206 1.17 7.62 4.99
N ILE A 207 1.62 8.62 5.76
CA ILE A 207 2.23 8.42 7.11
C ILE A 207 1.18 7.83 8.07
N TRP A 208 -0.08 8.20 7.93
CA TRP A 208 -1.16 7.71 8.83
C TRP A 208 -1.21 6.19 8.78
N SER A 209 -1.20 5.62 7.57
CA SER A 209 -1.25 4.16 7.31
CA SER A 209 -1.27 4.16 7.34
C SER A 209 -0.07 3.47 8.00
N VAL A 210 1.13 4.04 7.86
CA VAL A 210 2.38 3.52 8.49
C VAL A 210 2.16 3.46 10.00
N GLY A 211 1.60 4.53 10.58
CA GLY A 211 1.28 4.63 12.01
C GLY A 211 0.30 3.55 12.43
N CYS A 212 -0.76 3.32 11.65
CA CYS A 212 -1.81 2.31 11.96
C CYS A 212 -1.18 0.92 12.00
N ILE A 213 -0.28 0.63 11.05
CA ILE A 213 0.39 -0.70 10.91
C ILE A 213 1.37 -0.88 12.06
N MET A 214 2.18 0.14 12.34
CA MET A 214 3.17 0.11 13.44
C MET A 214 2.45 -0.17 14.76
N GLY A 215 1.37 0.56 15.03
CA GLY A 215 0.58 0.44 16.28
C GLY A 215 0.00 -0.96 16.42
N GLU A 216 -0.49 -1.51 15.30
CA GLU A 216 -1.10 -2.86 15.22
C GLU A 216 -0.02 -3.91 15.48
N MET A 217 1.17 -3.77 14.89
CA MET A 217 2.34 -4.66 15.15
C MET A 217 2.60 -4.74 16.65
N ILE A 218 2.48 -3.61 17.35
CA ILE A 218 2.80 -3.48 18.81
C ILE A 218 1.63 -4.04 19.64
N LYS A 219 0.39 -3.64 19.36
CA LYS A 219 -0.79 -3.93 20.22
C LYS A 219 -1.37 -5.32 19.88
N GLY A 220 -1.09 -5.85 18.69
CA GLY A 220 -1.62 -7.14 18.20
C GLY A 220 -3.08 -7.06 17.80
N GLY A 221 -3.62 -5.86 17.61
CA GLY A 221 -5.01 -5.63 17.15
C GLY A 221 -5.12 -4.35 16.34
N VAL A 222 -6.06 -4.31 15.39
CA VAL A 222 -6.36 -3.10 14.56
C VAL A 222 -6.59 -1.92 15.51
N LEU A 223 -5.91 -0.79 15.29
CA LEU A 223 -6.00 0.42 16.16
C LEU A 223 -7.40 1.02 16.07
N PHE A 224 -7.90 1.22 14.85
CA PHE A 224 -9.18 1.92 14.56
C PHE A 224 -10.08 0.98 13.75
N PRO A 225 -10.72 -0.02 14.40
CA PRO A 225 -11.51 -1.02 13.69
C PRO A 225 -12.97 -0.59 13.39
N GLY A 226 -13.13 0.42 12.54
CA GLY A 226 -14.46 0.95 12.14
C GLY A 226 -15.23 -0.06 11.32
N THR A 227 -16.51 -0.30 11.64
CA THR A 227 -17.43 -1.19 10.90
C THR A 227 -18.02 -0.48 9.67
N ASP A 228 -17.95 0.86 9.64
CA ASP A 228 -18.40 1.70 8.50
C ASP A 228 -17.73 3.07 8.62
N HIS A 229 -18.05 4.02 7.73
CA HIS A 229 -17.42 5.37 7.68
C HIS A 229 -17.63 6.11 9.00
N ILE A 230 -18.86 6.09 9.54
CA ILE A 230 -19.24 6.78 10.81
C ILE A 230 -18.41 6.20 11.95
N ASP A 231 -18.41 4.87 12.08
CA ASP A 231 -17.73 4.15 13.19
C ASP A 231 -16.21 4.36 13.08
N GLN A 232 -15.67 4.37 11.86
CA GLN A 232 -14.21 4.58 11.61
C GLN A 232 -13.77 5.89 12.27
N TRP A 233 -14.52 6.98 12.02
CA TRP A 233 -14.20 8.32 12.59
C TRP A 233 -14.30 8.28 14.12
N ASN A 234 -15.36 7.66 14.66
CA ASN A 234 -15.60 7.52 16.12
C ASN A 234 -14.43 6.79 16.77
N LYS A 235 -13.91 5.72 16.16
CA LYS A 235 -12.79 4.91 16.71
C LYS A 235 -11.53 5.77 16.80
N VAL A 236 -11.30 6.65 15.81
CA VAL A 236 -10.10 7.52 15.75
C VAL A 236 -10.19 8.57 16.88
N ILE A 237 -11.30 9.29 16.98
CA ILE A 237 -11.45 10.41 17.96
C ILE A 237 -11.54 9.85 19.39
N GLU A 238 -12.14 8.68 19.58
CA GLU A 238 -12.21 8.00 20.91
C GLU A 238 -10.78 7.74 21.42
N GLN A 239 -9.88 7.28 20.55
CA GLN A 239 -8.48 6.90 20.92
C GLN A 239 -7.61 8.16 21.03
N LEU A 240 -7.67 9.05 20.04
CA LEU A 240 -6.69 10.16 19.86
C LEU A 240 -7.23 11.50 20.38
N GLY A 241 -8.55 11.64 20.51
CA GLY A 241 -9.20 12.87 21.00
C GLY A 241 -9.75 13.70 19.87
N THR A 242 -10.81 14.48 20.12
CA THR A 242 -11.40 15.43 19.16
C THR A 242 -10.28 16.35 18.66
N PRO A 243 -10.12 16.53 17.34
CA PRO A 243 -9.07 17.39 16.81
C PRO A 243 -9.35 18.88 17.12
N CYS A 244 -8.35 19.73 16.91
CA CYS A 244 -8.38 21.18 17.23
C CYS A 244 -9.43 21.88 16.37
N PRO A 245 -10.03 23.01 16.86
CA PRO A 245 -10.91 23.83 16.03
C PRO A 245 -10.31 24.20 14.67
N GLU A 246 -8.99 24.45 14.61
CA GLU A 246 -8.25 24.80 13.36
C GLU A 246 -8.52 23.73 12.30
N PHE A 247 -8.53 22.45 12.70
CA PHE A 247 -8.77 21.28 11.82
C PHE A 247 -10.22 21.31 11.30
N MET A 248 -11.18 21.66 12.15
CA MET A 248 -12.64 21.69 11.83
C MET A 248 -12.89 22.63 10.64
N LYS A 249 -12.12 23.71 10.51
CA LYS A 249 -12.27 24.73 9.45
C LYS A 249 -11.80 24.18 8.09
N LYS A 250 -11.15 23.01 8.06
CA LYS A 250 -10.61 22.38 6.83
C LYS A 250 -11.63 21.40 6.23
N LEU A 251 -12.82 21.27 6.84
CA LEU A 251 -13.85 20.28 6.43
C LEU A 251 -14.90 20.96 5.54
N GLN A 252 -15.47 20.20 4.61
CA GLN A 252 -16.70 20.59 3.85
C GLN A 252 -17.79 20.96 4.85
N PRO A 253 -18.63 21.98 4.55
CA PRO A 253 -19.64 22.45 5.50
C PRO A 253 -20.49 21.36 6.20
N THR A 254 -21.03 20.41 5.43
CA THR A 254 -21.94 19.35 5.95
C THR A 254 -21.12 18.40 6.82
N VAL A 255 -19.89 18.09 6.41
CA VAL A 255 -18.94 17.23 7.18
C VAL A 255 -18.54 17.96 8.46
N ARG A 256 -18.25 19.27 8.38
CA ARG A 256 -17.86 20.13 9.53
C ARG A 256 -18.95 20.07 10.61
N THR A 257 -20.22 20.19 10.20
CA THR A 257 -21.41 20.17 11.10
C THR A 257 -21.40 18.84 11.87
N TYR A 258 -21.34 17.72 11.15
CA TYR A 258 -21.36 16.35 11.74
C TYR A 258 -20.22 16.19 12.75
N VAL A 259 -18.99 16.48 12.33
CA VAL A 259 -17.75 16.27 13.12
C VAL A 259 -17.81 17.13 14.39
N GLU A 260 -18.23 18.39 14.27
CA GLU A 260 -18.38 19.34 15.42
C GLU A 260 -19.52 18.86 16.33
N ASN A 261 -20.56 18.21 15.77
CA ASN A 261 -21.74 17.73 16.52
C ASN A 261 -21.42 16.46 17.32
N ARG A 262 -20.32 15.77 16.99
CA ARG A 262 -19.87 14.55 17.72
C ARG A 262 -19.57 14.90 19.17
N PRO A 263 -19.79 13.97 20.12
CA PRO A 263 -19.33 14.14 21.50
C PRO A 263 -17.82 14.45 21.56
N LYS A 264 -17.41 15.25 22.54
CA LYS A 264 -15.99 15.64 22.76
C LYS A 264 -15.26 14.46 23.41
N TYR A 265 -14.03 14.18 22.96
CA TYR A 265 -13.15 13.11 23.49
C TYR A 265 -11.79 13.71 23.83
N ALA A 266 -11.28 13.43 25.03
CA ALA A 266 -9.91 13.77 25.48
C ALA A 266 -8.90 12.91 24.72
N GLY A 267 -9.29 11.68 24.38
CA GLY A 267 -8.39 10.64 23.86
C GLY A 267 -7.54 10.05 24.98
N TYR A 268 -6.42 9.41 24.62
CA TYR A 268 -5.45 8.82 25.56
C TYR A 268 -4.04 9.30 25.18
N SER A 269 -3.18 9.50 26.18
CA SER A 269 -1.72 9.64 26.00
C SER A 269 -1.20 8.41 25.25
N PHE A 270 -0.10 8.56 24.52
CA PHE A 270 0.53 7.44 23.76
C PHE A 270 1.09 6.40 24.72
N GLU A 271 1.44 6.80 25.95
CA GLU A 271 1.86 5.85 27.01
C GLU A 271 0.69 4.92 27.37
N LYS A 272 -0.54 5.45 27.39
CA LYS A 272 -1.77 4.65 27.72
C LYS A 272 -2.23 3.88 26.48
N LEU A 273 -2.01 4.41 25.28
CA LEU A 273 -2.34 3.71 24.00
C LEU A 273 -1.37 2.54 23.82
N PHE A 274 -0.10 2.72 24.18
CA PHE A 274 1.00 1.74 23.98
C PHE A 274 1.77 1.55 25.28
N PRO A 275 1.18 0.87 26.29
CA PRO A 275 1.83 0.69 27.60
C PRO A 275 3.16 -0.08 27.53
N ASP A 276 3.99 0.07 28.56
CA ASP A 276 5.36 -0.51 28.62
C ASP A 276 5.30 -2.04 28.51
N VAL A 277 4.25 -2.68 29.03
CA VAL A 277 4.08 -4.17 29.04
C VAL A 277 4.04 -4.71 27.60
N LEU A 278 3.69 -3.87 26.61
CA LEU A 278 3.66 -4.28 25.18
C LEU A 278 5.09 -4.43 24.63
N PHE A 279 6.09 -3.84 25.31
CA PHE A 279 7.51 -3.79 24.87
C PHE A 279 8.40 -4.54 25.87
N PRO A 280 9.55 -5.12 25.41
CA PRO A 280 10.56 -5.61 26.35
C PRO A 280 11.18 -4.45 27.15
N ALA A 281 11.52 -4.68 28.42
CA ALA A 281 12.07 -3.66 29.35
C ALA A 281 13.24 -4.24 30.15
N ASP A 282 14.03 -5.14 29.54
CA ASP A 282 15.07 -5.95 30.23
C ASP A 282 16.43 -5.26 30.14
N SER A 283 16.55 -4.16 29.38
CA SER A 283 17.82 -3.44 29.14
C SER A 283 17.56 -1.95 28.86
N GLU A 284 18.62 -1.14 28.89
CA GLU A 284 18.60 0.29 28.49
C GLU A 284 18.23 0.38 27.00
N HIS A 285 18.84 -0.48 26.17
CA HIS A 285 18.59 -0.54 24.70
C HIS A 285 17.08 -0.65 24.44
N ASN A 286 16.43 -1.64 25.05
CA ASN A 286 14.98 -1.93 24.87
C ASN A 286 14.14 -0.79 25.48
N LYS A 287 14.54 -0.26 26.64
CA LYS A 287 13.83 0.89 27.27
C LYS A 287 13.86 2.07 26.30
N LEU A 288 15.03 2.34 25.70
CA LEU A 288 15.20 3.42 24.69
C LEU A 288 14.30 3.14 23.49
N LYS A 289 14.27 1.89 23.01
CA LYS A 289 13.53 1.52 21.78
C LYS A 289 12.02 1.66 22.03
N ALA A 290 11.53 1.32 23.23
CA ALA A 290 10.13 1.56 23.64
C ALA A 290 9.81 3.06 23.53
N SER A 291 10.68 3.92 24.07
CA SER A 291 10.53 5.40 24.07
C SER A 291 10.50 5.91 22.62
N GLN A 292 11.45 5.48 21.80
CA GLN A 292 11.57 5.92 20.39
C GLN A 292 10.34 5.47 19.59
N ALA A 293 9.88 4.23 19.78
CA ALA A 293 8.71 3.64 19.08
C ALA A 293 7.46 4.49 19.40
N ARG A 294 7.25 4.77 20.68
CA ARG A 294 6.09 5.55 21.17
C ARG A 294 6.19 6.99 20.65
N ASP A 295 7.40 7.56 20.61
CA ASP A 295 7.65 8.93 20.08
C ASP A 295 7.23 9.00 18.60
N LEU A 296 7.70 8.06 17.77
CA LEU A 296 7.37 8.04 16.33
C LEU A 296 5.86 7.87 16.15
N LEU A 297 5.25 6.94 16.89
CA LEU A 297 3.78 6.72 16.87
C LEU A 297 3.05 8.05 17.15
N SER A 298 3.51 8.80 18.16
CA SER A 298 2.88 10.07 18.62
C SER A 298 2.93 11.10 17.49
N LYS A 299 3.87 10.95 16.55
CA LYS A 299 4.12 11.90 15.45
C LYS A 299 3.42 11.46 14.17
N MET A 300 3.13 10.16 14.01
CA MET A 300 2.46 9.63 12.79
C MET A 300 0.94 9.57 13.00
N LEU A 301 0.49 9.11 14.17
CA LEU A 301 -0.95 9.00 14.49
C LEU A 301 -1.44 10.35 14.99
N VAL A 302 -1.41 11.34 14.09
CA VAL A 302 -1.84 12.75 14.34
C VAL A 302 -2.95 13.05 13.34
N ILE A 303 -4.15 13.35 13.84
CA ILE A 303 -5.37 13.52 13.00
C ILE A 303 -5.12 14.66 12.01
N ASP A 304 -4.65 15.81 12.52
CA ASP A 304 -4.39 17.03 11.73
C ASP A 304 -3.07 16.84 10.97
N ALA A 305 -3.15 16.68 9.64
CA ALA A 305 -2.00 16.40 8.76
C ALA A 305 -0.97 17.54 8.84
N SER A 306 -1.38 18.76 9.20
CA SER A 306 -0.47 19.94 9.32
CA SER A 306 -0.49 19.94 9.34
C SER A 306 0.47 19.76 10.53
N LYS A 307 0.08 18.91 11.49
CA LYS A 307 0.89 18.63 12.71
C LYS A 307 1.50 17.22 12.64
N ARG A 308 1.29 16.49 11.54
CA ARG A 308 1.75 15.09 11.37
C ARG A 308 3.13 15.10 10.69
N ILE A 309 4.01 14.21 11.15
CA ILE A 309 5.39 14.02 10.60
C ILE A 309 5.30 13.75 9.10
N SER A 310 6.34 14.17 8.36
CA SER A 310 6.56 13.85 6.92
C SER A 310 7.27 12.49 6.79
N VAL A 311 7.31 11.94 5.58
CA VAL A 311 8.04 10.67 5.28
C VAL A 311 9.55 10.89 5.49
N ASP A 312 10.08 12.02 5.04
CA ASP A 312 11.52 12.37 5.23
C ASP A 312 11.84 12.39 6.72
N GLU A 313 11.04 13.09 7.52
CA GLU A 313 11.20 13.19 9.00
C GLU A 313 11.10 11.79 9.62
N ALA A 314 10.15 10.97 9.17
CA ALA A 314 9.95 9.60 9.69
C ALA A 314 11.22 8.77 9.41
N LEU A 315 11.80 8.90 8.22
CA LEU A 315 13.01 8.13 7.82
C LEU A 315 14.21 8.56 8.66
N GLN A 316 14.23 9.81 9.12
CA GLN A 316 15.37 10.41 9.90
CA GLN A 316 15.36 10.42 9.90
C GLN A 316 15.16 10.14 11.39
N HIS A 317 13.98 9.66 11.79
CA HIS A 317 13.67 9.34 13.22
C HIS A 317 14.60 8.23 13.72
N PRO A 318 15.13 8.35 14.96
CA PRO A 318 16.11 7.38 15.46
C PRO A 318 15.61 5.93 15.56
N TYR A 319 14.30 5.71 15.63
CA TYR A 319 13.70 4.34 15.58
C TYR A 319 13.94 3.70 14.21
N ILE A 320 13.93 4.52 13.15
CA ILE A 320 13.89 4.08 11.73
C ILE A 320 15.28 4.17 11.09
N ASN A 321 16.06 5.22 11.41
CA ASN A 321 17.26 5.61 10.61
C ASN A 321 18.43 4.63 10.81
N VAL A 322 18.34 3.69 11.77
CA VAL A 322 19.37 2.63 12.01
C VAL A 322 19.51 1.73 10.78
N TRP A 323 18.52 1.69 9.89
CA TRP A 323 18.50 0.81 8.69
C TRP A 323 18.99 1.55 7.45
N TYR A 324 19.30 2.85 7.56
CA TYR A 324 19.82 3.66 6.42
C TYR A 324 21.29 3.32 6.18
N ASP A 325 21.62 2.87 4.97
CA ASP A 325 23.00 2.60 4.50
C ASP A 325 23.43 3.78 3.63
N PRO A 326 24.38 4.62 4.10
CA PRO A 326 24.77 5.83 3.37
C PRO A 326 25.52 5.56 2.05
N SER A 327 25.96 4.32 1.82
CA SER A 327 26.69 3.88 0.60
C SER A 327 25.71 3.45 -0.49
N GLU A 328 24.45 3.15 -0.13
CA GLU A 328 23.44 2.62 -1.08
C GLU A 328 23.05 3.71 -2.08
N ALA A 329 23.15 3.39 -3.37
CA ALA A 329 22.72 4.25 -4.51
C ALA A 329 21.21 4.49 -4.39
N GLU A 330 20.80 5.75 -4.34
CA GLU A 330 19.38 6.18 -4.38
C GLU A 330 18.84 5.92 -5.79
N ALA A 331 17.75 5.15 -5.90
CA ALA A 331 17.01 4.92 -7.17
C ALA A 331 16.48 6.27 -7.66
N PRO A 332 16.78 6.68 -8.91
CA PRO A 332 16.26 7.95 -9.44
C PRO A 332 14.75 7.85 -9.63
N PRO A 333 14.03 8.99 -9.73
CA PRO A 333 12.57 8.95 -9.94
C PRO A 333 12.22 8.13 -11.19
N PRO A 334 11.11 7.37 -11.18
CA PRO A 334 10.62 6.70 -12.39
C PRO A 334 10.51 7.65 -13.58
N LYS A 335 11.07 7.26 -14.73
CA LYS A 335 10.90 7.99 -16.02
C LYS A 335 9.63 7.46 -16.70
N ILE A 336 8.49 8.08 -16.37
CA ILE A 336 7.13 7.74 -16.93
C ILE A 336 7.10 8.23 -18.37
N PRO A 337 7.19 7.33 -19.38
CA PRO A 337 7.34 7.71 -20.78
C PRO A 337 6.42 8.87 -21.21
N ASP A 338 7.00 9.92 -21.79
CA ASP A 338 6.30 11.15 -22.25
C ASP A 338 5.44 11.66 -21.08
N LYS A 339 4.14 11.85 -21.29
CA LYS A 339 3.13 11.95 -20.22
C LYS A 339 1.94 11.05 -20.61
N GLN A 340 2.17 9.73 -20.62
CA GLN A 340 1.12 8.71 -20.85
C GLN A 340 0.36 8.47 -19.54
N LEU A 341 0.76 9.13 -18.44
CA LEU A 341 -0.01 9.16 -17.16
C LEU A 341 -0.48 10.60 -16.88
N ASP A 342 -0.93 11.31 -17.91
CA ASP A 342 -1.77 12.52 -17.76
C ASP A 342 -3.09 12.06 -17.11
N GLU A 343 -3.81 12.98 -16.46
CA GLU A 343 -5.07 12.66 -15.74
C GLU A 343 -6.27 12.92 -16.67
N ARG A 344 -6.18 12.47 -17.94
CA ARG A 344 -7.22 12.68 -18.97
C ARG A 344 -8.15 11.47 -19.01
N GLU A 345 -9.45 11.73 -19.18
CA GLU A 345 -10.49 10.68 -19.34
C GLU A 345 -10.50 10.21 -20.80
N HIS A 346 -10.94 8.97 -21.03
CA HIS A 346 -11.05 8.36 -22.39
C HIS A 346 -12.36 7.58 -22.51
N THR A 347 -12.79 7.33 -23.75
CA THR A 347 -13.91 6.42 -24.08
C THR A 347 -13.45 5.00 -23.77
N ILE A 348 -14.40 4.07 -23.62
CA ILE A 348 -14.11 2.64 -23.35
C ILE A 348 -13.25 2.09 -24.50
N GLU A 349 -13.56 2.46 -25.75
CA GLU A 349 -12.81 1.95 -26.93
C GLU A 349 -11.37 2.48 -26.91
N GLU A 350 -11.17 3.74 -26.48
CA GLU A 350 -9.82 4.37 -26.36
C GLU A 350 -9.01 3.66 -25.26
N TRP A 351 -9.63 3.38 -24.12
CA TRP A 351 -9.00 2.65 -22.99
C TRP A 351 -8.57 1.26 -23.45
N LYS A 352 -9.42 0.55 -24.18
CA LYS A 352 -9.14 -0.83 -24.66
C LYS A 352 -7.86 -0.81 -25.51
N GLU A 353 -7.77 0.14 -26.44
CA GLU A 353 -6.62 0.27 -27.37
C GLU A 353 -5.37 0.68 -26.58
N LEU A 354 -5.51 1.58 -25.61
CA LEU A 354 -4.37 2.05 -24.76
C LEU A 354 -3.81 0.87 -23.97
N ILE A 355 -4.67 0.07 -23.36
CA ILE A 355 -4.28 -1.08 -22.51
C ILE A 355 -3.67 -2.17 -23.41
N TYR A 356 -4.31 -2.45 -24.55
CA TYR A 356 -3.83 -3.46 -25.53
C TYR A 356 -2.42 -3.10 -26.00
N LYS A 357 -2.21 -1.85 -26.42
CA LYS A 357 -0.90 -1.33 -26.90
C LYS A 357 0.16 -1.52 -25.81
N GLU A 358 -0.18 -1.20 -24.56
CA GLU A 358 0.71 -1.32 -23.39
C GLU A 358 1.09 -2.79 -23.19
N VAL A 359 0.15 -3.71 -23.38
CA VAL A 359 0.38 -5.18 -23.24
C VAL A 359 1.29 -5.67 -24.37
N MET A 360 1.05 -5.22 -25.60
CA MET A 360 1.71 -5.73 -26.84
C MET A 360 3.05 -5.02 -27.09
N ASP A 361 3.27 -3.86 -26.43
CA ASP A 361 4.43 -2.97 -26.66
C ASP A 361 4.36 -2.41 -28.09
N LEU A 362 3.40 -1.52 -28.35
CA LEU A 362 3.15 -0.91 -29.68
C LEU A 362 3.22 0.62 -29.56
C1 Y4O B . 2.19 -16.26 -1.43
C2 Y4O B . 1.35 -15.12 -0.91
N3 Y4O B . -6.00 -7.49 8.79
C4 Y4O B . 0.68 -12.79 -0.93
N5 Y4O B . 3.48 -12.45 -4.18
C6 Y4O B . -0.37 -14.32 0.58
C7 Y4O B . 0.43 -15.34 0.09
C10 Y4O B . -3.73 -13.41 3.96
C11 Y4O B . -4.30 -13.71 5.19
C15 Y4O B . -5.25 -11.45 5.72
C16 Y4O B . -6.16 -10.80 6.74
C17 Y4O B . -5.58 -9.51 7.33
C18 Y4O B . -6.55 -8.72 8.21
C19 Y4O B . -5.88 -6.43 7.78
C20 Y4O B . -6.81 -7.02 9.91
C21 Y4O B . 2.34 -12.65 -3.46
C22 Y4O B . 3.38 -11.54 -5.15
C23 Y4O B . 2.21 -10.84 -5.43
C24 Y4O B . 1.10 -11.13 -4.66
C25 Y4O B . -0.21 -10.44 -4.82
C29 Y4O B . -1.25 -10.63 -3.93
C3 Y4O B . 1.47 -13.82 -1.42
C5 Y4O B . -0.23 -13.03 0.07
N1 Y4O B . -1.27 -14.64 1.63
C8 Y4O B . -2.46 -14.05 1.91
O1 Y4O B . -3.04 -13.29 1.14
C9 Y4O B . -3.06 -14.40 3.24
C12 Y4O B . -4.21 -15.01 5.70
C13 Y4O B . -3.55 -15.99 4.98
C14 Y4O B . -2.98 -15.69 3.76
N2 Y4O B . -5.00 -12.75 5.97
O2 Y4O B . -4.80 -10.86 4.74
N4 Y4O B . 2.41 -13.56 -2.44
N6 Y4O B . 1.17 -12.03 -3.68
C26 Y4O B . -0.42 -9.52 -5.84
N7 Y4O B . -1.56 -8.85 -6.04
C27 Y4O B . -2.55 -9.07 -5.16
C28 Y4O B . -2.44 -9.94 -4.10
C1 GOL C . 2.42 -26.53 -18.40
O1 GOL C . 2.49 -27.01 -17.06
C2 GOL C . 1.25 -27.12 -19.15
O2 GOL C . 0.93 -28.41 -18.63
C3 GOL C . 1.49 -27.22 -20.64
O3 GOL C . 0.27 -27.39 -21.37
C1 GOL D . 17.01 -8.16 8.82
O1 GOL D . 17.55 -8.97 7.78
C2 GOL D . 17.03 -8.88 10.15
O2 GOL D . 16.21 -10.05 10.07
C3 GOL D . 16.55 -8.01 11.29
O3 GOL D . 15.19 -7.63 11.12
C1 EDO E . -3.84 8.47 -20.56
O1 EDO E . -3.18 8.55 -19.32
C2 EDO E . -2.93 8.51 -21.72
O2 EDO E . -3.31 9.46 -22.70
#